data_5U4A
#
_entry.id   5U4A
#
_cell.length_a   42.822
_cell.length_b   84.928
_cell.length_c   64.190
_cell.angle_alpha   90.000
_cell.angle_beta   90.000
_cell.angle_gamma   90.000
#
_symmetry.space_group_name_H-M   'P 21 21 2'
#
loop_
_entity.id
_entity.type
_entity.pdbx_description
1 polymer Transthyretin
2 non-polymer '{3-chloro-4-[(E)-2-(3,5-dihydroxyphenyl)ethenyl]phenyl}boronic acid'
3 water water
#
_entity_poly.entity_id   1
_entity_poly.type   'polypeptide(L)'
_entity_poly.pdbx_seq_one_letter_code
;MGPTGTGESKCPLMVKVLDAVRGSPAINVAVHVFRKAADDTWEPFASGKTSESGELHGLTTEEEFVEGIYKVEIDTKSYW
KALGISPFHEHAEVVFTANDSGPRRYTIAALLSPYSYSTTAVVTNPKE
;
_entity_poly.pdbx_strand_id   A,B
#
loop_
_chem_comp.id
_chem_comp.type
_chem_comp.name
_chem_comp.formula
7VG non-polymer '{3-chloro-4-[(E)-2-(3,5-dihydroxyphenyl)ethenyl]phenyl}boronic acid' 'C14 H12 B Cl O4'
#
# COMPACT_ATOMS: atom_id res chain seq x y z
N CYS A 11 -1.77 22.13 8.60
CA CYS A 11 -0.68 21.66 7.76
C CYS A 11 -1.22 21.13 6.44
N PRO A 12 -0.35 21.10 5.41
CA PRO A 12 -0.73 20.62 4.07
C PRO A 12 -0.74 19.10 3.96
N LEU A 13 -0.20 18.42 4.97
CA LEU A 13 -0.16 16.95 4.98
C LEU A 13 -0.45 16.46 6.39
N MET A 14 -1.49 15.63 6.52
CA MET A 14 -1.79 15.03 7.82
C MET A 14 -2.07 13.55 7.60
N VAL A 15 -1.75 12.75 8.61
CA VAL A 15 -1.96 11.30 8.53
C VAL A 15 -2.84 10.80 9.68
N LYS A 16 -3.89 10.05 9.36
CA LYS A 16 -4.79 9.54 10.41
C LYS A 16 -4.85 8.04 10.35
N VAL A 17 -4.68 7.39 11.50
CA VAL A 17 -4.62 5.93 11.53
C VAL A 17 -5.60 5.34 12.53
N LEU A 18 -6.41 4.40 12.06
CA LEU A 18 -7.41 3.78 12.90
C LEU A 18 -7.14 2.30 13.04
N ASP A 19 -7.56 1.78 14.19
CA ASP A 19 -7.45 0.36 14.55
C ASP A 19 -8.84 -0.33 14.51
N ALA A 20 -9.01 -1.32 13.62
CA ALA A 20 -10.31 -1.96 13.40
C ALA A 20 -10.52 -3.16 14.32
N VAL A 21 -9.47 -3.55 15.06
CA VAL A 21 -9.59 -4.67 15.99
C VAL A 21 -10.07 -4.15 17.35
N ARG A 22 -9.54 -2.99 17.74
CA ARG A 22 -9.83 -2.40 19.04
C ARG A 22 -10.91 -1.32 19.00
N GLY A 23 -11.20 -0.79 17.82
CA GLY A 23 -12.23 0.24 17.71
C GLY A 23 -11.70 1.57 18.25
N SER A 24 -10.45 1.88 17.92
CA SER A 24 -9.83 3.07 18.47
C SER A 24 -8.90 3.74 17.48
N PRO A 25 -8.42 4.95 17.81
CA PRO A 25 -7.32 5.55 17.05
C PRO A 25 -6.09 4.66 17.18
N ALA A 26 -5.21 4.67 16.17
CA ALA A 26 -3.99 3.88 16.21
C ALA A 26 -2.90 4.77 16.71
N ILE A 27 -2.53 4.59 17.98
CA ILE A 27 -1.62 5.50 18.67
C ILE A 27 -0.13 5.09 18.56
N ASN A 28 0.75 6.07 18.45
CA ASN A 28 2.20 5.80 18.43
C ASN A 28 2.65 5.04 17.19
N VAL A 29 1.95 5.24 16.09
CA VAL A 29 2.30 4.59 14.85
C VAL A 29 3.37 5.42 14.13
N ALA A 30 4.51 4.80 13.83
CA ALA A 30 5.57 5.55 13.18
C ALA A 30 5.21 5.78 11.73
N VAL A 31 5.46 6.98 11.23
CA VAL A 31 5.20 7.30 9.82
C VAL A 31 6.40 7.99 9.13
N HIS A 32 6.77 7.52 7.95
CA HIS A 32 7.86 8.14 7.19
C HIS A 32 7.40 8.59 5.82
N VAL A 33 7.77 9.81 5.45
CA VAL A 33 7.41 10.36 4.15
C VAL A 33 8.67 10.51 3.30
N PHE A 34 8.61 10.01 2.07
CA PHE A 34 9.72 10.14 1.14
C PHE A 34 9.24 10.95 -0.06
N ARG A 35 10.19 11.55 -0.78
CA ARG A 35 9.89 12.29 -2.00
C ARG A 35 10.82 11.87 -3.12
N LYS A 36 10.27 11.53 -4.29
CA LYS A 36 11.11 11.08 -5.39
C LYS A 36 12.04 12.22 -5.83
N ALA A 37 13.34 11.96 -5.86
CA ALA A 37 14.31 12.95 -6.27
C ALA A 37 14.51 12.89 -7.78
N ALA A 38 15.22 13.87 -8.32
CA ALA A 38 15.49 13.92 -9.74
C ALA A 38 16.20 12.65 -10.21
N ASP A 39 17.09 12.12 -9.38
CA ASP A 39 17.84 10.90 -9.70
C ASP A 39 16.99 9.63 -9.60
N ASP A 40 15.71 9.82 -9.31
CA ASP A 40 14.72 8.73 -9.25
C ASP A 40 14.83 7.86 -8.01
N THR A 41 15.57 8.32 -7.02
CA THR A 41 15.60 7.65 -5.72
C THR A 41 14.64 8.34 -4.75
N TRP A 42 14.21 7.59 -3.74
CA TRP A 42 13.35 8.10 -2.68
C TRP A 42 14.12 8.86 -1.61
N GLU A 43 14.04 10.18 -1.64
CA GLU A 43 14.64 11.01 -0.59
C GLU A 43 13.75 11.10 0.62
N PRO A 44 14.32 10.93 1.83
CA PRO A 44 13.57 11.10 3.08
C PRO A 44 13.07 12.54 3.20
N PHE A 45 11.76 12.73 3.39
CA PHE A 45 11.18 14.06 3.36
C PHE A 45 10.69 14.50 4.74
N ALA A 46 9.97 13.62 5.44
CA ALA A 46 9.54 13.93 6.80
C ALA A 46 9.19 12.66 7.57
N SER A 47 9.13 12.74 8.90
CA SER A 47 8.73 11.57 9.69
C SER A 47 8.09 11.99 11.00
N GLY A 48 7.40 11.05 11.63
CA GLY A 48 6.71 11.35 12.87
C GLY A 48 5.93 10.16 13.39
N LYS A 49 5.13 10.39 14.44
CA LYS A 49 4.35 9.34 15.08
C LYS A 49 2.96 9.88 15.39
N THR A 50 1.95 9.02 15.31
CA THR A 50 0.57 9.44 15.55
C THR A 50 0.34 9.71 17.03
N SER A 51 -0.54 10.66 17.27
CA SER A 51 -0.88 11.06 18.62
C SER A 51 -1.96 10.17 19.24
N GLU A 52 -2.50 10.64 20.36
CA GLU A 52 -3.51 9.91 21.11
C GLU A 52 -4.80 9.76 20.31
N SER A 53 -5.01 10.67 19.36
CA SER A 53 -6.18 10.64 18.50
C SER A 53 -5.91 9.93 17.18
N GLY A 54 -4.73 9.33 17.05
CA GLY A 54 -4.36 8.61 15.84
C GLY A 54 -3.96 9.51 14.71
N GLU A 55 -3.70 10.77 15.03
CA GLU A 55 -3.37 11.76 14.01
C GLU A 55 -1.91 12.21 14.06
N LEU A 56 -1.35 12.55 12.90
CA LEU A 56 0.02 13.04 12.80
C LEU A 56 0.00 14.40 12.13
N HIS A 57 0.28 15.43 12.91
CA HIS A 57 0.27 16.80 12.42
C HIS A 57 1.68 17.37 12.35
N GLY A 58 1.89 18.32 11.44
CA GLY A 58 3.13 19.08 11.44
C GLY A 58 4.27 18.44 10.71
N LEU A 59 3.97 17.48 9.83
CA LEU A 59 5.00 16.83 9.04
C LEU A 59 5.75 17.80 8.13
N THR A 60 5.04 18.79 7.60
CA THR A 60 5.69 19.71 6.65
C THR A 60 4.98 21.05 6.61
N THR A 61 5.43 21.96 5.74
CA THR A 61 4.82 23.28 5.61
C THR A 61 4.47 23.52 4.16
N GLU A 62 3.66 24.53 3.89
CA GLU A 62 3.29 24.85 2.51
C GLU A 62 4.50 25.18 1.63
N GLU A 63 5.51 25.83 2.19
CA GLU A 63 6.68 26.23 1.40
C GLU A 63 7.54 25.02 1.01
N GLU A 64 7.61 24.05 1.91
CA GLU A 64 8.41 22.85 1.73
C GLU A 64 7.70 21.77 0.89
N PHE A 65 6.38 21.74 0.97
CA PHE A 65 5.58 20.69 0.33
C PHE A 65 5.25 21.05 -1.12
N VAL A 66 6.28 20.93 -1.95
CA VAL A 66 6.18 21.31 -3.35
C VAL A 66 5.66 20.18 -4.20
N GLU A 67 5.39 20.48 -5.47
CA GLU A 67 5.02 19.46 -6.44
C GLU A 67 5.99 18.28 -6.38
N GLY A 68 5.48 17.06 -6.47
CA GLY A 68 6.35 15.90 -6.52
C GLY A 68 5.59 14.59 -6.40
N ILE A 69 6.34 13.48 -6.45
CA ILE A 69 5.78 12.20 -6.10
C ILE A 69 6.21 11.87 -4.68
N TYR A 70 5.23 11.60 -3.83
CA TYR A 70 5.49 11.30 -2.43
C TYR A 70 5.09 9.88 -2.07
N LYS A 71 5.80 9.29 -1.13
CA LYS A 71 5.41 8.00 -0.58
C LYS A 71 5.30 8.15 0.93
N VAL A 72 4.14 7.77 1.47
CA VAL A 72 3.87 7.79 2.91
C VAL A 72 3.90 6.35 3.37
N GLU A 73 4.87 6.03 4.21
CA GLU A 73 5.01 4.66 4.72
C GLU A 73 4.57 4.56 6.17
N ILE A 74 3.56 3.75 6.43
CA ILE A 74 3.04 3.62 7.79
C ILE A 74 3.55 2.32 8.39
N ASP A 75 4.27 2.39 9.52
CA ASP A 75 4.82 1.15 10.08
C ASP A 75 3.78 0.33 10.84
N THR A 76 2.99 -0.42 10.08
CA THR A 76 1.91 -1.20 10.66
C THR A 76 2.46 -2.38 11.46
N LYS A 77 3.56 -2.98 10.98
CA LYS A 77 4.08 -4.17 11.62
C LYS A 77 4.51 -3.90 13.07
N SER A 78 5.32 -2.86 13.28
CA SER A 78 5.71 -2.44 14.64
C SER A 78 4.49 -2.20 15.53
N TYR A 79 3.45 -1.57 14.97
CA TYR A 79 2.23 -1.30 15.71
C TYR A 79 1.59 -2.60 16.23
N TRP A 80 1.37 -3.56 15.34
CA TRP A 80 0.72 -4.81 15.75
C TRP A 80 1.59 -5.68 16.67
N LYS A 81 2.89 -5.73 16.40
CA LYS A 81 3.81 -6.54 17.20
C LYS A 81 3.74 -6.14 18.67
N ALA A 82 3.55 -4.84 18.92
CA ALA A 82 3.48 -4.31 20.28
C ALA A 82 2.13 -4.59 20.93
N LEU A 83 1.30 -5.36 20.24
CA LEU A 83 0.02 -5.81 20.79
C LEU A 83 -0.05 -7.34 20.79
N GLY A 84 1.05 -7.96 20.38
CA GLY A 84 1.16 -9.41 20.43
C GLY A 84 0.65 -10.09 19.17
N ILE A 85 0.30 -9.28 18.17
CA ILE A 85 -0.22 -9.83 16.93
C ILE A 85 0.87 -9.95 15.89
N SER A 86 0.86 -11.06 15.18
CA SER A 86 1.85 -11.31 14.13
C SER A 86 1.17 -11.06 12.79
N PRO A 87 1.30 -9.81 12.30
CA PRO A 87 0.54 -9.28 11.16
C PRO A 87 1.12 -9.74 9.83
N PHE A 88 0.35 -9.56 8.76
CA PHE A 88 0.77 -10.06 7.46
C PHE A 88 1.74 -9.09 6.85
N HIS A 89 1.40 -7.80 6.90
CA HIS A 89 2.17 -6.82 6.13
C HIS A 89 3.37 -6.23 6.87
N GLU A 90 4.38 -5.84 6.09
CA GLU A 90 5.54 -5.18 6.67
C GLU A 90 5.12 -3.76 7.07
N HIS A 91 4.33 -3.14 6.22
CA HIS A 91 3.87 -1.79 6.48
C HIS A 91 2.82 -1.44 5.45
N ALA A 92 2.13 -0.31 5.62
CA ALA A 92 1.25 0.19 4.57
C ALA A 92 1.96 1.34 3.85
N GLU A 93 1.88 1.35 2.52
CA GLU A 93 2.57 2.35 1.72
C GLU A 93 1.56 3.10 0.86
N VAL A 94 1.64 4.43 0.86
CA VAL A 94 0.74 5.21 0.01
C VAL A 94 1.56 6.14 -0.90
N VAL A 95 1.50 5.93 -2.21
CA VAL A 95 2.33 6.70 -3.15
C VAL A 95 1.49 7.52 -4.13
N PHE A 96 1.77 8.81 -4.20
CA PHE A 96 0.89 9.70 -4.95
C PHE A 96 1.60 10.95 -5.40
N THR A 97 1.15 11.52 -6.51
CA THR A 97 1.63 12.83 -6.94
C THR A 97 0.86 13.93 -6.21
N ALA A 98 1.60 14.90 -5.70
CA ALA A 98 1.03 15.96 -4.91
C ALA A 98 1.20 17.32 -5.58
N ASN A 99 0.14 18.13 -5.52
CA ASN A 99 0.22 19.53 -5.89
C ASN A 99 0.61 19.78 -7.33
N ASP A 100 0.24 18.87 -8.22
CA ASP A 100 0.57 19.08 -9.62
C ASP A 100 -0.59 19.79 -10.32
N SER A 101 -1.64 20.08 -9.56
CA SER A 101 -2.75 20.90 -10.02
C SER A 101 -2.98 22.04 -9.04
N GLY A 102 -1.89 22.68 -8.63
CA GLY A 102 -1.93 23.71 -7.61
C GLY A 102 -1.80 23.12 -6.22
N PRO A 103 -1.61 23.98 -5.22
CA PRO A 103 -1.47 23.57 -3.82
C PRO A 103 -2.79 23.08 -3.20
N ARG A 104 -2.73 21.92 -2.54
CA ARG A 104 -3.91 21.36 -1.89
C ARG A 104 -3.55 20.82 -0.50
N ARG A 105 -4.56 20.50 0.29
CA ARG A 105 -4.34 19.89 1.59
C ARG A 105 -4.70 18.41 1.54
N TYR A 106 -3.79 17.57 2.03
CA TYR A 106 -3.91 16.12 1.95
C TYR A 106 -4.04 15.48 3.32
N THR A 107 -5.14 14.76 3.54
CA THR A 107 -5.26 13.86 4.67
C THR A 107 -5.15 12.42 4.16
N ILE A 108 -4.17 11.69 4.67
CA ILE A 108 -3.97 10.28 4.35
C ILE A 108 -4.49 9.47 5.53
N ALA A 109 -5.56 8.71 5.31
CA ALA A 109 -6.18 7.94 6.39
C ALA A 109 -5.94 6.46 6.16
N ALA A 110 -5.65 5.72 7.22
CA ALA A 110 -5.56 4.27 7.11
C ALA A 110 -6.36 3.59 8.21
N LEU A 111 -7.03 2.49 7.83
CA LEU A 111 -7.78 1.63 8.74
C LEU A 111 -7.14 0.26 8.74
N LEU A 112 -6.66 -0.14 9.92
CA LEU A 112 -5.75 -1.27 10.06
C LEU A 112 -6.36 -2.54 10.70
N SER A 113 -6.10 -3.69 10.07
CA SER A 113 -6.35 -5.00 10.68
C SER A 113 -5.08 -5.84 10.49
N PRO A 114 -4.98 -6.93 11.26
CA PRO A 114 -3.74 -7.74 11.19
C PRO A 114 -3.40 -8.25 9.78
N TYR A 115 -4.40 -8.70 9.01
CA TYR A 115 -4.19 -9.22 7.67
C TYR A 115 -4.79 -8.37 6.55
N SER A 116 -5.19 -7.15 6.87
CA SER A 116 -5.83 -6.28 5.90
C SER A 116 -5.67 -4.83 6.31
N TYR A 117 -5.66 -3.93 5.35
CA TYR A 117 -5.81 -2.50 5.67
C TYR A 117 -6.50 -1.79 4.53
N SER A 118 -7.08 -0.63 4.80
CA SER A 118 -7.57 0.20 3.70
C SER A 118 -7.03 1.61 3.91
N THR A 119 -6.86 2.35 2.83
CA THR A 119 -6.36 3.71 2.93
C THR A 119 -7.15 4.55 1.96
N THR A 120 -7.37 5.80 2.32
CA THR A 120 -8.08 6.71 1.42
C THR A 120 -7.42 8.07 1.52
N ALA A 121 -7.74 8.95 0.58
CA ALA A 121 -7.20 10.29 0.63
C ALA A 121 -8.32 11.29 0.59
N VAL A 122 -8.23 12.31 1.45
CA VAL A 122 -9.13 13.45 1.45
C VAL A 122 -8.30 14.64 0.99
N VAL A 123 -8.58 15.12 -0.21
CA VAL A 123 -7.84 16.20 -0.86
C VAL A 123 -8.74 17.42 -0.93
N THR A 124 -8.37 18.48 -0.23
CA THR A 124 -9.18 19.69 -0.23
C THR A 124 -8.37 20.91 -0.64
N ASN A 125 -9.05 21.86 -1.26
CA ASN A 125 -8.42 23.09 -1.72
C ASN A 125 -8.87 24.29 -0.90
N PRO A 126 -7.94 24.90 -0.15
CA PRO A 126 -8.20 26.09 0.66
C PRO A 126 -8.19 27.37 -0.17
N CYS B 11 -0.34 -23.25 -7.00
CA CYS B 11 -0.50 -21.81 -6.85
C CYS B 11 -0.35 -21.36 -5.41
N PRO B 12 0.89 -21.14 -4.96
CA PRO B 12 1.12 -20.65 -3.60
C PRO B 12 0.93 -19.13 -3.51
N LEU B 13 0.69 -18.48 -4.65
CA LEU B 13 0.48 -17.04 -4.67
C LEU B 13 -0.46 -16.66 -5.82
N MET B 14 -1.60 -16.09 -5.46
CA MET B 14 -2.56 -15.58 -6.44
C MET B 14 -2.85 -14.14 -6.11
N VAL B 15 -3.16 -13.35 -7.13
CA VAL B 15 -3.47 -11.94 -6.92
C VAL B 15 -4.81 -11.70 -7.58
N LYS B 16 -5.71 -11.05 -6.85
CA LYS B 16 -7.03 -10.78 -7.38
C LYS B 16 -7.36 -9.32 -7.20
N VAL B 17 -7.86 -8.66 -8.25
CA VAL B 17 -8.08 -7.21 -8.18
C VAL B 17 -9.51 -6.85 -8.59
N LEU B 18 -10.16 -6.01 -7.78
CA LEU B 18 -11.56 -5.69 -8.03
C LEU B 18 -11.78 -4.19 -8.18
N ASP B 19 -12.87 -3.84 -8.87
CA ASP B 19 -13.20 -2.45 -9.16
C ASP B 19 -14.45 -2.05 -8.36
N ALA B 20 -14.25 -1.13 -7.43
CA ALA B 20 -15.31 -0.73 -6.50
C ALA B 20 -16.23 0.33 -7.10
N VAL B 21 -15.84 0.87 -8.24
CA VAL B 21 -16.64 1.88 -8.92
C VAL B 21 -17.65 1.23 -9.87
N ARG B 22 -17.14 0.30 -10.69
CA ARG B 22 -17.97 -0.38 -11.66
C ARG B 22 -18.61 -1.63 -11.07
N GLY B 23 -18.07 -2.12 -9.95
CA GLY B 23 -18.56 -3.34 -9.33
C GLY B 23 -18.19 -4.54 -10.18
N SER B 24 -16.93 -4.62 -10.54
CA SER B 24 -16.47 -5.64 -11.44
C SER B 24 -15.03 -6.04 -11.19
N PRO B 25 -14.61 -7.16 -11.77
CA PRO B 25 -13.21 -7.53 -11.69
C PRO B 25 -12.40 -6.44 -12.36
N ALA B 26 -11.19 -6.18 -11.87
CA ALA B 26 -10.28 -5.25 -12.54
C ALA B 26 -9.47 -5.99 -13.61
N ILE B 27 -9.87 -5.81 -14.86
CA ILE B 27 -9.36 -6.55 -16.02
C ILE B 27 -8.12 -5.93 -16.66
N ASN B 28 -7.17 -6.78 -17.02
CA ASN B 28 -5.97 -6.37 -17.75
C ASN B 28 -5.13 -5.36 -16.97
N VAL B 29 -5.07 -5.59 -15.66
CA VAL B 29 -4.24 -4.79 -14.75
C VAL B 29 -2.83 -5.37 -14.64
N ALA B 30 -1.81 -4.54 -14.89
CA ALA B 30 -0.43 -4.97 -14.72
C ALA B 30 -0.11 -5.18 -13.24
N VAL B 31 0.55 -6.29 -12.96
CA VAL B 31 0.94 -6.67 -11.60
C VAL B 31 2.38 -7.14 -11.56
N HIS B 32 3.18 -6.53 -10.71
CA HIS B 32 4.58 -6.90 -10.53
C HIS B 32 4.84 -7.42 -9.12
N VAL B 33 5.58 -8.52 -9.02
CA VAL B 33 6.05 -9.07 -7.74
C VAL B 33 7.56 -8.92 -7.64
N PHE B 34 8.02 -8.35 -6.54
CA PHE B 34 9.45 -8.17 -6.29
C PHE B 34 9.78 -8.96 -5.05
N ARG B 35 11.04 -9.38 -4.93
CA ARG B 35 11.53 -10.01 -3.71
C ARG B 35 12.78 -9.27 -3.23
N LYS B 36 12.84 -8.98 -1.93
CA LYS B 36 13.98 -8.25 -1.38
C LYS B 36 15.20 -9.16 -1.37
N ALA B 37 16.34 -8.62 -1.79
CA ALA B 37 17.57 -9.41 -1.86
C ALA B 37 18.40 -9.26 -0.57
N ALA B 38 19.65 -9.71 -0.63
CA ALA B 38 20.58 -9.59 0.50
C ALA B 38 20.97 -8.13 0.74
N ASP B 39 21.22 -7.42 -0.36
CA ASP B 39 21.54 -6.00 -0.31
C ASP B 39 20.29 -5.16 -0.06
N ASP B 40 19.19 -5.82 0.26
CA ASP B 40 17.91 -5.16 0.47
C ASP B 40 17.50 -4.37 -0.77
N THR B 41 17.67 -4.97 -1.94
CA THR B 41 17.19 -4.38 -3.18
C THR B 41 15.95 -5.14 -3.67
N TRP B 42 15.07 -4.43 -4.38
CA TRP B 42 13.87 -5.07 -4.93
C TRP B 42 14.15 -5.76 -6.26
N GLU B 43 14.37 -7.06 -6.23
CA GLU B 43 14.62 -7.83 -7.45
C GLU B 43 13.29 -8.29 -8.06
N PRO B 44 13.10 -8.05 -9.38
CA PRO B 44 11.90 -8.54 -10.07
C PRO B 44 11.76 -10.04 -9.87
N PHE B 45 10.54 -10.52 -9.67
CA PHE B 45 10.32 -11.90 -9.30
C PHE B 45 9.29 -12.58 -10.20
N ALA B 46 8.16 -11.91 -10.40
CA ALA B 46 7.14 -12.36 -11.35
C ALA B 46 6.24 -11.17 -11.72
N SER B 47 5.50 -11.30 -12.81
CA SER B 47 4.52 -10.28 -13.15
C SER B 47 3.59 -10.79 -14.24
N GLY B 48 2.60 -9.98 -14.57
CA GLY B 48 1.60 -10.36 -15.54
C GLY B 48 0.45 -9.39 -15.51
N LYS B 49 -0.66 -9.77 -16.13
CA LYS B 49 -1.81 -8.91 -16.23
C LYS B 49 -3.01 -9.72 -15.80
N THR B 50 -3.91 -9.09 -15.05
CA THR B 50 -5.05 -9.82 -14.55
C THR B 50 -5.96 -10.25 -15.70
N SER B 51 -6.63 -11.39 -15.50
CA SER B 51 -7.55 -11.95 -16.48
C SER B 51 -8.91 -11.28 -16.49
N GLU B 52 -9.86 -11.87 -17.22
CA GLU B 52 -11.24 -11.39 -17.24
C GLU B 52 -11.90 -11.52 -15.86
N SER B 53 -11.32 -12.37 -15.03
CA SER B 53 -11.86 -12.61 -13.69
C SER B 53 -11.14 -11.75 -12.66
N GLY B 54 -10.23 -10.90 -13.15
CA GLY B 54 -9.46 -10.02 -12.30
C GLY B 54 -8.38 -10.74 -11.53
N GLU B 55 -8.02 -11.94 -11.99
CA GLU B 55 -7.13 -12.82 -11.26
C GLU B 55 -5.81 -13.05 -12.02
N LEU B 56 -4.76 -13.32 -11.27
CA LEU B 56 -3.47 -13.60 -11.87
C LEU B 56 -2.87 -14.81 -11.21
N HIS B 57 -2.87 -15.93 -11.93
CA HIS B 57 -2.34 -17.20 -11.44
C HIS B 57 -0.99 -17.56 -12.06
N GLY B 58 -0.37 -18.61 -11.54
CA GLY B 58 0.87 -19.11 -12.09
C GLY B 58 2.05 -18.15 -12.02
N LEU B 59 2.00 -17.21 -11.08
CA LEU B 59 3.10 -16.28 -10.90
C LEU B 59 4.38 -17.01 -10.50
N THR B 60 4.24 -18.01 -9.64
CA THR B 60 5.40 -18.71 -9.11
C THR B 60 5.03 -20.16 -8.77
N THR B 61 5.96 -20.88 -8.16
CA THR B 61 5.75 -22.27 -7.77
C THR B 61 6.16 -22.45 -6.33
N GLU B 62 5.74 -23.55 -5.71
CA GLU B 62 6.05 -23.78 -4.30
C GLU B 62 7.55 -23.81 -4.03
N GLU B 63 8.31 -24.32 -4.98
CA GLU B 63 9.74 -24.46 -4.77
C GLU B 63 10.43 -23.09 -4.85
N GLU B 64 9.99 -22.27 -5.78
CA GLU B 64 10.62 -20.97 -6.04
C GLU B 64 10.18 -19.91 -5.03
N PHE B 65 9.01 -20.11 -4.44
CA PHE B 65 8.40 -19.14 -3.53
C PHE B 65 8.86 -19.41 -2.10
N VAL B 66 10.15 -19.21 -1.87
CA VAL B 66 10.70 -19.39 -0.53
C VAL B 66 10.35 -18.22 0.38
N GLU B 67 10.50 -18.45 1.69
CA GLU B 67 10.45 -17.37 2.65
C GLU B 67 11.27 -16.15 2.22
N GLY B 68 10.78 -14.98 2.57
CA GLY B 68 11.46 -13.74 2.25
C GLY B 68 10.49 -12.58 2.35
N ILE B 69 10.94 -11.40 1.94
CA ILE B 69 10.05 -10.26 1.90
C ILE B 69 9.66 -9.99 0.45
N TYR B 70 8.35 -9.83 0.22
CA TYR B 70 7.81 -9.69 -1.11
C TYR B 70 7.01 -8.42 -1.25
N LYS B 71 6.99 -7.88 -2.46
CA LYS B 71 6.20 -6.71 -2.78
C LYS B 71 5.38 -7.01 -4.02
N VAL B 72 4.08 -6.77 -3.89
CA VAL B 72 3.15 -6.84 -4.99
C VAL B 72 2.80 -5.41 -5.35
N GLU B 73 3.07 -5.04 -6.60
CA GLU B 73 2.76 -3.70 -7.08
C GLU B 73 1.70 -3.74 -8.16
N ILE B 74 0.63 -2.96 -8.00
CA ILE B 74 -0.49 -2.98 -8.92
C ILE B 74 -0.58 -1.63 -9.65
N ASP B 75 -0.55 -1.66 -10.97
CA ASP B 75 -0.60 -0.41 -11.73
C ASP B 75 -2.03 0.12 -11.79
N THR B 76 -2.48 0.65 -10.64
CA THR B 76 -3.81 1.20 -10.53
C THR B 76 -3.96 2.52 -11.31
N LYS B 77 -2.85 3.25 -11.45
CA LYS B 77 -2.92 4.52 -12.15
C LYS B 77 -3.37 4.33 -13.60
N SER B 78 -2.77 3.34 -14.26
CA SER B 78 -3.08 3.06 -15.65
C SER B 78 -4.49 2.50 -15.81
N TYR B 79 -4.97 1.82 -14.77
CA TYR B 79 -6.31 1.25 -14.81
C TYR B 79 -7.34 2.38 -14.88
N TRP B 80 -7.26 3.32 -13.95
CA TRP B 80 -8.20 4.43 -13.88
C TRP B 80 -8.10 5.39 -15.08
N LYS B 81 -6.90 5.61 -15.58
CA LYS B 81 -6.73 6.44 -16.77
C LYS B 81 -7.50 5.86 -17.96
N ALA B 82 -7.33 4.56 -18.19
CA ALA B 82 -8.04 3.86 -19.25
C ALA B 82 -9.56 3.97 -19.10
N LEU B 83 -10.04 4.31 -17.90
CA LEU B 83 -11.46 4.55 -17.67
C LEU B 83 -11.78 6.04 -17.54
N GLY B 84 -10.75 6.89 -17.64
CA GLY B 84 -10.95 8.33 -17.60
C GLY B 84 -11.31 8.93 -16.25
N ILE B 85 -10.87 8.29 -15.18
CA ILE B 85 -10.96 8.87 -13.85
C ILE B 85 -9.57 9.36 -13.44
N SER B 86 -9.50 10.52 -12.80
CA SER B 86 -8.22 11.03 -12.33
C SER B 86 -7.87 10.30 -11.06
N PRO B 87 -6.90 9.37 -11.13
CA PRO B 87 -6.53 8.47 -10.05
C PRO B 87 -5.59 9.13 -9.05
N PHE B 88 -5.80 8.94 -7.75
CA PHE B 88 -4.94 9.54 -6.74
C PHE B 88 -3.59 8.83 -6.59
N HIS B 89 -3.61 7.51 -6.46
CA HIS B 89 -2.35 6.79 -6.22
C HIS B 89 -1.58 6.50 -7.51
N GLU B 90 -0.26 6.52 -7.42
CA GLU B 90 0.61 6.14 -8.54
C GLU B 90 0.47 4.65 -8.82
N HIS B 91 0.33 3.89 -7.73
CA HIS B 91 0.11 2.45 -7.79
C HIS B 91 -0.32 1.97 -6.40
N ALA B 92 -0.74 0.71 -6.32
CA ALA B 92 -1.03 0.08 -5.04
C ALA B 92 0.04 -0.96 -4.74
N GLU B 93 0.57 -0.91 -3.53
CA GLU B 93 1.72 -1.73 -3.17
C GLU B 93 1.39 -2.53 -1.92
N VAL B 94 1.77 -3.79 -1.90
CA VAL B 94 1.49 -4.65 -0.75
C VAL B 94 2.77 -5.36 -0.40
N VAL B 95 3.26 -5.15 0.83
CA VAL B 95 4.57 -5.67 1.25
C VAL B 95 4.36 -6.60 2.44
N PHE B 96 4.84 -7.84 2.32
CA PHE B 96 4.60 -8.87 3.34
C PHE B 96 5.77 -9.83 3.39
N THR B 97 5.85 -10.58 4.48
CA THR B 97 6.81 -11.68 4.60
C THR B 97 6.11 -13.00 4.39
N ALA B 98 6.62 -13.77 3.44
CA ALA B 98 6.18 -15.15 3.27
C ALA B 98 6.88 -16.02 4.30
N ASN B 99 6.08 -16.72 5.10
CA ASN B 99 6.62 -17.59 6.15
C ASN B 99 6.19 -19.04 5.95
N ASP B 100 7.06 -19.98 6.32
CA ASP B 100 6.85 -21.40 6.05
C ASP B 100 6.07 -22.15 7.13
N SER B 101 5.53 -21.45 8.12
CA SER B 101 4.83 -22.12 9.22
C SER B 101 3.72 -23.05 8.72
N GLY B 102 4.11 -24.22 8.22
CA GLY B 102 3.16 -25.16 7.67
C GLY B 102 2.92 -24.91 6.20
N PRO B 103 2.17 -25.82 5.55
CA PRO B 103 1.84 -25.69 4.12
C PRO B 103 0.83 -24.56 3.91
N ARG B 104 1.21 -23.55 3.14
CA ARG B 104 0.38 -22.35 3.01
C ARG B 104 0.23 -21.88 1.56
N ARG B 105 -0.91 -21.26 1.27
CA ARG B 105 -1.17 -20.62 -0.02
C ARG B 105 -1.66 -19.20 0.23
N TYR B 106 -1.18 -18.25 -0.57
CA TYR B 106 -1.50 -16.85 -0.36
C TYR B 106 -2.31 -16.26 -1.51
N THR B 107 -3.46 -15.66 -1.17
CA THR B 107 -4.18 -14.84 -2.12
C THR B 107 -4.10 -13.41 -1.63
N ILE B 108 -3.60 -12.55 -2.50
CA ILE B 108 -3.50 -11.14 -2.19
C ILE B 108 -4.62 -10.44 -2.95
N ALA B 109 -5.64 -9.96 -2.23
CA ALA B 109 -6.78 -9.30 -2.88
C ALA B 109 -6.69 -7.78 -2.75
N ALA B 110 -7.09 -7.06 -3.78
CA ALA B 110 -7.14 -5.62 -3.68
C ALA B 110 -8.43 -5.10 -4.27
N LEU B 111 -9.06 -4.17 -3.58
CA LEU B 111 -10.29 -3.52 -4.02
C LEU B 111 -10.03 -2.06 -4.31
N LEU B 112 -10.24 -1.64 -5.55
CA LEU B 112 -9.74 -0.34 -5.99
C LEU B 112 -10.83 0.74 -6.18
N SER B 113 -10.55 1.94 -5.66
CA SER B 113 -11.34 3.14 -5.96
C SER B 113 -10.36 4.22 -6.44
N PRO B 114 -10.87 5.30 -7.05
CA PRO B 114 -9.93 6.31 -7.55
C PRO B 114 -9.04 6.95 -6.47
N TYR B 115 -9.58 7.19 -5.28
CA TYR B 115 -8.81 7.79 -4.18
C TYR B 115 -8.57 6.87 -2.98
N SER B 116 -8.86 5.58 -3.13
CA SER B 116 -8.71 4.68 -2.01
C SER B 116 -8.49 3.27 -2.49
N TYR B 117 -7.82 2.45 -1.68
CA TYR B 117 -7.89 1.00 -1.91
C TYR B 117 -7.81 0.24 -0.59
N SER B 118 -8.30 -0.98 -0.63
CA SER B 118 -8.18 -1.83 0.52
C SER B 118 -7.55 -3.13 0.03
N THR B 119 -6.82 -3.81 0.91
CA THR B 119 -6.20 -5.04 0.52
C THR B 119 -6.29 -6.03 1.67
N THR B 120 -6.47 -7.30 1.36
CA THR B 120 -6.44 -8.28 2.43
C THR B 120 -5.65 -9.51 1.97
N ALA B 121 -5.18 -10.29 2.94
CA ALA B 121 -4.49 -11.53 2.63
C ALA B 121 -5.36 -12.68 3.09
N VAL B 122 -5.59 -13.65 2.22
CA VAL B 122 -6.26 -14.88 2.62
C VAL B 122 -5.21 -15.99 2.61
N VAL B 123 -4.79 -16.42 3.80
CA VAL B 123 -3.73 -17.41 3.97
C VAL B 123 -4.30 -18.73 4.45
N THR B 124 -4.26 -19.76 3.61
CA THR B 124 -4.91 -21.03 3.91
C THR B 124 -4.01 -22.26 3.77
N ASN B 125 -4.40 -23.34 4.43
CA ASN B 125 -3.65 -24.60 4.40
C ASN B 125 -4.33 -25.62 3.50
N PRO B 126 -3.72 -25.91 2.34
CA PRO B 126 -4.25 -26.82 1.33
C PRO B 126 -4.54 -28.22 1.87
C01 7VG C . -12.27 11.09 11.63
C02 7VG C . -11.50 11.11 10.44
C03 7VG C . -11.34 9.98 9.57
C04 7VG C . -11.95 8.71 9.84
O04 7VG C . -13.17 12.18 13.80
C05 7VG C . -12.71 8.74 11.03
C06 7VG C . -12.86 9.86 11.87
C11 7VG C . -12.82 3.82 6.65
C12 7VG C . -11.87 3.22 5.81
C13 7VG C . -10.70 3.94 5.58
C14 7VG C . -10.46 5.21 6.16
C07 7VG C . -11.85 7.45 8.97
C08 7VG C . -11.39 7.15 7.72
C09 7VG C . -11.43 5.81 7.02
C10 7VG C . -12.61 5.08 7.22
O01 7VG C . -9.72 3.38 4.75
O02 7VG C . -14.04 3.19 6.95
O03 7VG C . -12.00 13.60 12.32
CL1 7VG C . -10.36 10.23 8.18
B01 7VG C . -12.48 12.35 12.62
C01 7VG D . -11.71 -14.19 -3.72
C02 7VG D . -12.88 -13.44 -3.95
C03 7VG D . -13.14 -12.21 -3.35
C04 7VG D . -12.24 -11.57 -2.47
O04 7VG D . -10.20 -15.97 -4.80
C05 7VG D . -11.07 -12.33 -2.23
C06 7VG D . -10.83 -13.58 -2.83
C11 7VG D . -11.09 -6.06 0.27
C12 7VG D . -12.36 -5.56 0.61
C13 7VG D . -13.48 -6.33 0.27
C14 7VG D . -13.35 -7.57 -0.40
C07 7VG D . -12.57 -10.28 -1.85
C08 7VG D . -11.75 -9.32 -1.43
C09 7VG D . -12.07 -8.06 -0.76
C10 7VG D . -10.96 -7.28 -0.39
O01 7VG D . -14.77 -5.87 0.59
O02 7VG D . -9.92 -5.39 0.57
O03 7VG D . -12.50 -16.47 -4.64
CL1 7VG D . -14.62 -11.44 -3.74
B01 7VG D . -11.46 -15.61 -4.42
#